data_6C1A
#
_entry.id   6C1A
#
_cell.length_a   36.533
_cell.length_b   39.875
_cell.length_c   105.151
_cell.angle_alpha   83.970
_cell.angle_beta   85.700
_cell.angle_gamma   62.750
#
_symmetry.space_group_name_H-M   'P 1'
#
loop_
_entity.id
_entity.type
_entity.pdbx_description
1 polymer 'Methyl-CpG-binding domain protein 2'
2 polymer 'dna strand 1'
3 polymer 'complement to dna strand 1'
4 non-polymer 'UNKNOWN ATOM OR ION'
5 water water
#
loop_
_entity_poly.entity_id
_entity_poly.type
_entity_poly.pdbx_seq_one_letter_code
_entity_poly.pdbx_strand_id
1 'polypeptide(L)' GATESGKRMDCPALPPGWKKEEVIRKSGLSAGKSDVYYFSPSGKKFRSKPQLARYLGNTVDLSSFDFRTGKMMPSKLQK A,B,E,F
2 'polydeoxyribonucleotide' (DC)(DG)(DG)(DA)(DA)(DT)(DG)(DT)(DA)(DG)(DG)(DC) C,G
3 'polydeoxyribonucleotide' (DG)(DC)(DC)(DT)(DA)(5CM)(DA)(DT)(DT)(DC)(DC)(DG) D,H
#
# COMPACT_ATOMS: atom_id res chain seq x y z
CA GLY A 6 -8.84 -27.10 7.36
C GLY A 6 -9.11 -26.70 5.91
N LYS A 7 -10.39 -26.62 5.54
CA LYS A 7 -10.80 -26.28 4.15
C LYS A 7 -10.97 -24.77 3.98
N ARG A 8 -10.24 -24.18 3.03
CA ARG A 8 -10.41 -22.77 2.69
C ARG A 8 -11.48 -22.65 1.60
N MET A 9 -12.60 -22.05 1.97
CA MET A 9 -13.74 -21.86 1.07
C MET A 9 -13.66 -20.51 0.42
N ASP A 10 -13.79 -20.48 -0.91
CA ASP A 10 -14.05 -19.23 -1.60
C ASP A 10 -15.21 -18.50 -0.93
N CYS A 11 -15.10 -17.18 -0.86
CA CYS A 11 -16.13 -16.35 -0.33
C CYS A 11 -16.64 -15.53 -1.50
N PRO A 12 -17.72 -16.02 -2.14
CA PRO A 12 -18.22 -15.34 -3.34
C PRO A 12 -18.55 -13.87 -3.14
N ALA A 13 -18.95 -13.51 -1.92
CA ALA A 13 -19.39 -12.16 -1.60
C ALA A 13 -18.27 -11.14 -1.65
N LEU A 14 -17.04 -11.60 -1.41
CA LEU A 14 -15.82 -10.76 -1.51
C LEU A 14 -15.24 -10.78 -2.94
N PRO A 15 -14.24 -9.90 -3.25
CA PRO A 15 -13.60 -9.92 -4.56
C PRO A 15 -12.96 -11.26 -4.87
N PRO A 16 -12.58 -11.48 -6.17
CA PRO A 16 -12.04 -12.80 -6.58
C PRO A 16 -10.85 -13.20 -5.74
N GLY A 17 -10.78 -14.47 -5.33
CA GLY A 17 -9.62 -15.01 -4.70
C GLY A 17 -9.66 -15.02 -3.16
N TRP A 18 -10.57 -14.23 -2.56
CA TRP A 18 -10.79 -14.19 -1.10
C TRP A 18 -11.43 -15.46 -0.62
N LYS A 19 -10.88 -16.02 0.47
CA LYS A 19 -11.35 -17.29 1.02
C LYS A 19 -11.56 -17.17 2.52
N LYS A 20 -12.39 -18.07 3.04
CA LYS A 20 -12.91 -18.11 4.41
C LYS A 20 -12.59 -19.46 5.00
N GLU A 21 -12.28 -19.47 6.29
CA GLU A 21 -12.04 -20.73 7.04
C GLU A 21 -12.62 -20.54 8.43
N GLU A 22 -13.28 -21.58 8.96
CA GLU A 22 -13.89 -21.56 10.28
C GLU A 22 -13.18 -22.65 11.07
N VAL A 23 -12.62 -22.34 12.24
CA VAL A 23 -11.87 -23.32 13.05
C VAL A 23 -12.54 -23.48 14.40
N ILE A 24 -12.76 -24.72 14.76
CA ILE A 24 -13.41 -25.08 16.07
C ILE A 24 -12.36 -25.08 17.16
N ARG A 25 -12.61 -24.34 18.25
CA ARG A 25 -11.76 -24.46 19.45
C ARG A 25 -11.90 -25.89 20.12
N LYS A 26 -10.76 -26.56 20.33
CA LYS A 26 -10.72 -27.92 20.84
C LYS A 26 -10.77 -28.02 22.35
N SER A 27 -10.37 -26.97 23.06
CA SER A 27 -10.16 -27.00 24.51
C SER A 27 -10.29 -25.62 25.16
N GLY A 28 -10.20 -25.60 26.48
CA GLY A 28 -10.29 -24.37 27.23
C GLY A 28 -11.71 -23.87 27.37
N LEU A 29 -11.79 -22.63 27.87
CA LEU A 29 -13.03 -22.03 28.33
C LEU A 29 -14.08 -21.98 27.23
N SER A 30 -13.66 -21.56 26.04
CA SER A 30 -14.58 -21.43 24.90
C SER A 30 -14.63 -22.68 24.01
N ALA A 31 -14.38 -23.88 24.57
CA ALA A 31 -14.30 -25.12 23.79
C ALA A 31 -15.63 -25.33 23.04
N GLY A 32 -15.58 -25.65 21.75
CA GLY A 32 -16.82 -25.84 20.95
C GLY A 32 -17.22 -24.63 20.12
N LYS A 33 -16.88 -23.43 20.60
CA LYS A 33 -17.00 -22.22 19.78
C LYS A 33 -16.04 -22.20 18.55
N SER A 34 -16.29 -21.29 17.61
CA SER A 34 -15.43 -21.18 16.43
C SER A 34 -14.88 -19.79 16.22
N ASP A 35 -13.82 -19.74 15.46
CA ASP A 35 -13.21 -18.51 15.02
C ASP A 35 -13.23 -18.58 13.48
N VAL A 36 -13.53 -17.45 12.86
CA VAL A 36 -13.60 -17.34 11.39
C VAL A 36 -12.44 -16.49 10.97
N TYR A 37 -11.78 -16.89 9.88
CA TYR A 37 -10.63 -16.18 9.35
C TYR A 37 -10.82 -16.01 7.85
N TYR A 38 -10.31 -14.91 7.32
CA TYR A 38 -10.31 -14.69 5.85
C TYR A 38 -8.91 -14.64 5.35
N PHE A 39 -8.74 -14.97 4.04
CA PHE A 39 -7.47 -14.91 3.41
C PHE A 39 -7.58 -14.12 2.11
N SER A 40 -6.62 -13.22 1.88
CA SER A 40 -6.53 -12.45 0.62
C SER A 40 -6.08 -13.37 -0.47
N PRO A 41 -6.14 -12.92 -1.71
CA PRO A 41 -5.66 -13.85 -2.72
C PRO A 41 -4.16 -14.16 -2.57
N SER A 42 -3.39 -13.23 -1.99
CA SER A 42 -1.95 -13.49 -1.67
C SER A 42 -1.76 -14.35 -0.43
N GLY A 43 -2.80 -14.50 0.40
CA GLY A 43 -2.75 -15.41 1.56
C GLY A 43 -2.60 -14.79 2.96
N LYS A 44 -2.69 -13.45 3.07
CA LYS A 44 -2.65 -12.77 4.37
C LYS A 44 -3.92 -13.10 5.15
N LYS A 45 -3.74 -13.34 6.44
CA LYS A 45 -4.80 -13.83 7.32
C LYS A 45 -5.49 -12.64 7.98
N PHE A 46 -6.82 -12.62 8.00
CA PHE A 46 -7.56 -11.58 8.72
C PHE A 46 -8.44 -12.22 9.77
N ARG A 47 -8.60 -11.54 10.90
CA ARG A 47 -9.30 -12.15 12.03
C ARG A 47 -10.54 -11.37 12.49
N SER A 48 -10.79 -10.20 11.92
CA SER A 48 -11.97 -9.43 12.28
C SER A 48 -12.52 -8.63 11.09
N LYS A 49 -13.76 -8.18 11.23
CA LYS A 49 -14.35 -7.30 10.24
C LYS A 49 -13.60 -5.95 10.08
N PRO A 50 -13.32 -5.24 11.17
CA PRO A 50 -12.56 -3.99 10.96
C PRO A 50 -11.15 -4.18 10.38
N GLN A 51 -10.49 -5.29 10.68
CA GLN A 51 -9.18 -5.61 10.08
C GLN A 51 -9.33 -5.79 8.57
N LEU A 52 -10.39 -6.47 8.19
CA LEU A 52 -10.70 -6.69 6.80
C LEU A 52 -11.11 -5.36 6.08
N ALA A 53 -11.94 -4.54 6.75
CA ALA A 53 -12.33 -3.24 6.23
C ALA A 53 -11.14 -2.30 6.09
N ARG A 54 -10.23 -2.33 7.05
CA ARG A 54 -9.02 -1.47 6.97
C ARG A 54 -8.16 -1.87 5.77
N TYR A 55 -8.09 -3.17 5.46
CA TYR A 55 -7.29 -3.65 4.34
C TYR A 55 -7.89 -3.31 2.94
N LEU A 56 -9.17 -3.63 2.77
CA LEU A 56 -9.85 -3.42 1.47
C LEU A 56 -10.14 -1.94 1.13
N GLY A 57 -10.32 -1.11 2.16
CA GLY A 57 -10.71 0.29 1.99
C GLY A 57 -12.01 0.47 1.22
N ASN A 58 -11.97 1.32 0.17
CA ASN A 58 -13.16 1.64 -0.60
C ASN A 58 -13.36 0.72 -1.80
N THR A 59 -12.55 -0.34 -1.89
CA THR A 59 -12.70 -1.31 -2.97
C THR A 59 -13.96 -2.13 -2.82
N VAL A 60 -14.47 -2.22 -1.58
CA VAL A 60 -15.64 -3.02 -1.23
C VAL A 60 -16.39 -2.31 -0.09
N ASP A 61 -17.71 -2.32 -0.15
CA ASP A 61 -18.54 -1.88 0.98
C ASP A 61 -18.91 -3.10 1.88
N LEU A 62 -18.45 -3.08 3.11
CA LEU A 62 -18.65 -4.17 4.06
C LEU A 62 -19.71 -3.86 5.09
N SER A 63 -20.45 -2.75 4.96
CA SER A 63 -21.46 -2.37 5.97
C SER A 63 -22.43 -3.52 6.31
N SER A 64 -22.88 -4.24 5.27
CA SER A 64 -23.86 -5.36 5.40
C SER A 64 -23.22 -6.78 5.50
N PHE A 65 -21.88 -6.84 5.44
CA PHE A 65 -21.14 -8.11 5.43
C PHE A 65 -21.18 -8.75 6.81
N ASP A 66 -21.67 -9.99 6.85
CA ASP A 66 -21.74 -10.75 8.05
C ASP A 66 -20.47 -11.59 8.11
N PHE A 67 -19.58 -11.18 9.01
CA PHE A 67 -18.24 -11.77 9.14
C PHE A 67 -18.25 -13.28 9.38
N ARG A 68 -19.15 -13.72 10.25
CA ARG A 68 -19.27 -15.13 10.60
C ARG A 68 -19.60 -16.04 9.41
N THR A 69 -20.55 -15.61 8.59
CA THR A 69 -21.07 -16.42 7.49
C THR A 69 -20.45 -16.10 6.14
N GLY A 70 -19.89 -14.91 6.01
CA GLY A 70 -19.29 -14.47 4.78
C GLY A 70 -20.33 -13.97 3.78
N LYS A 71 -21.52 -13.61 4.28
CA LYS A 71 -22.67 -13.26 3.50
C LYS A 71 -23.03 -11.78 3.74
N MET A 72 -23.34 -11.08 2.67
CA MET A 72 -23.99 -9.77 2.73
C MET A 72 -25.44 -9.96 3.21
N MET A 73 -25.86 -9.12 4.16
CA MET A 73 -27.18 -9.26 4.79
C MET A 73 -28.12 -8.13 4.39
N LYS B 7 19.72 -11.56 34.14
CA LYS B 7 18.72 -11.12 35.16
C LYS B 7 17.92 -12.32 35.68
N ARG B 8 18.65 -13.34 36.14
CA ARG B 8 18.07 -14.50 36.82
C ARG B 8 17.91 -14.11 38.29
N MET B 9 16.72 -13.61 38.63
CA MET B 9 16.43 -13.06 39.96
C MET B 9 15.57 -14.04 40.74
N ASP B 10 15.72 -14.04 42.05
CA ASP B 10 14.95 -14.92 42.95
C ASP B 10 13.48 -14.56 42.83
N CYS B 11 12.64 -15.60 42.78
CA CYS B 11 11.19 -15.46 42.73
C CYS B 11 10.61 -15.88 44.09
N PRO B 12 10.40 -14.90 45.00
CA PRO B 12 9.88 -15.11 46.37
C PRO B 12 8.49 -15.79 46.45
N ALA B 13 7.70 -15.71 45.38
CA ALA B 13 6.37 -16.38 45.31
C ALA B 13 6.40 -17.92 45.15
N LEU B 14 7.52 -18.46 44.70
CA LEU B 14 7.72 -19.91 44.56
C LEU B 14 8.67 -20.35 45.69
N PRO B 15 8.82 -21.68 45.92
CA PRO B 15 9.79 -22.18 46.91
C PRO B 15 11.24 -21.68 46.70
N PRO B 16 12.05 -21.64 47.79
CA PRO B 16 13.46 -21.23 47.75
C PRO B 16 14.24 -21.87 46.57
N GLY B 17 15.19 -21.12 46.02
CA GLY B 17 15.96 -21.57 44.85
C GLY B 17 15.34 -21.33 43.47
N TRP B 18 14.05 -20.97 43.43
CA TRP B 18 13.37 -20.77 42.14
C TRP B 18 13.69 -19.36 41.59
N LYS B 19 14.09 -19.29 40.33
CA LYS B 19 14.49 -18.02 39.71
C LYS B 19 13.59 -17.68 38.53
N LYS B 20 13.61 -16.39 38.17
CA LYS B 20 12.82 -15.85 37.04
C LYS B 20 13.73 -15.07 36.09
N GLU B 21 13.53 -15.25 34.80
CA GLU B 21 14.24 -14.46 33.81
C GLU B 21 13.23 -13.93 32.78
N GLU B 22 13.39 -12.64 32.43
CA GLU B 22 12.60 -11.99 31.37
C GLU B 22 13.58 -11.59 30.30
N VAL B 23 13.27 -11.95 29.06
CA VAL B 23 14.16 -11.74 27.92
C VAL B 23 13.42 -11.04 26.76
N ILE B 24 13.93 -9.88 26.35
CA ILE B 24 13.27 -9.03 25.33
C ILE B 24 13.52 -9.60 23.97
N ARG B 25 12.46 -9.63 23.15
CA ARG B 25 12.50 -10.07 21.77
C ARG B 25 13.09 -8.87 21.01
N LYS B 26 14.16 -9.12 20.25
CA LYS B 26 14.99 -8.03 19.67
CA LYS B 26 14.96 -8.03 19.69
C LYS B 26 14.50 -7.58 18.30
N SER B 27 13.69 -8.38 17.62
CA SER B 27 13.30 -8.07 16.22
C SER B 27 11.98 -8.75 15.84
N GLY B 28 11.56 -8.49 14.62
CA GLY B 28 10.34 -9.06 14.03
C GLY B 28 9.05 -8.38 14.44
N LEU B 29 7.93 -9.02 14.06
CA LEU B 29 6.59 -8.57 14.42
C LEU B 29 6.42 -8.35 15.94
N SER B 30 6.93 -9.28 16.74
CA SER B 30 6.85 -9.17 18.25
C SER B 30 8.02 -8.46 18.94
N ALA B 31 8.82 -7.69 18.16
CA ALA B 31 9.93 -6.90 18.75
C ALA B 31 9.54 -6.10 20.01
N GLY B 32 10.32 -6.19 21.07
CA GLY B 32 9.97 -5.40 22.29
C GLY B 32 9.02 -6.07 23.29
N LYS B 33 8.23 -7.04 22.84
CA LYS B 33 7.56 -7.98 23.78
C LYS B 33 8.64 -8.87 24.36
N SER B 34 8.31 -9.61 25.43
CA SER B 34 9.28 -10.53 26.08
C SER B 34 8.76 -11.94 26.36
N ASP B 35 9.72 -12.83 26.60
CA ASP B 35 9.48 -14.17 27.07
C ASP B 35 9.96 -14.29 28.53
N VAL B 36 9.17 -15.01 29.32
CA VAL B 36 9.42 -15.19 30.75
C VAL B 36 9.74 -16.67 30.97
N TYR B 37 10.81 -16.93 31.69
CA TYR B 37 11.32 -18.29 31.94
C TYR B 37 11.48 -18.48 33.42
N TYR B 38 11.26 -19.71 33.87
CA TYR B 38 11.52 -20.06 35.26
C TYR B 38 12.56 -21.12 35.33
N PHE B 39 13.31 -21.10 36.44
CA PHE B 39 14.35 -22.07 36.68
C PHE B 39 14.18 -22.73 38.09
N SER B 40 14.05 -24.06 38.11
CA SER B 40 14.01 -24.83 39.37
C SER B 40 15.40 -24.79 40.04
N PRO B 41 15.54 -25.37 41.24
CA PRO B 41 16.88 -25.41 41.86
C PRO B 41 17.92 -26.18 41.02
N SER B 42 17.52 -27.35 40.50
CA SER B 42 18.37 -28.15 39.60
C SER B 42 18.80 -27.34 38.36
N GLY B 43 17.93 -26.46 37.90
CA GLY B 43 18.19 -25.64 36.72
C GLY B 43 17.31 -25.97 35.51
N LYS B 44 16.26 -26.79 35.71
CA LYS B 44 15.28 -27.06 34.66
C LYS B 44 14.60 -25.75 34.23
N LYS B 45 14.53 -25.52 32.92
CA LYS B 45 13.94 -24.30 32.34
C LYS B 45 12.46 -24.56 32.04
N PHE B 46 11.61 -23.64 32.44
CA PHE B 46 10.17 -23.76 32.22
C PHE B 46 9.69 -22.55 31.47
N ARG B 47 8.87 -22.78 30.44
CA ARG B 47 8.44 -21.73 29.51
C ARG B 47 6.92 -21.40 29.55
N SER B 48 6.15 -22.13 30.36
CA SER B 48 4.73 -21.89 30.49
C SER B 48 4.20 -22.27 31.85
N LYS B 49 3.00 -21.75 32.16
CA LYS B 49 2.36 -22.05 33.43
C LYS B 49 1.90 -23.50 33.46
N PRO B 50 1.27 -24.02 32.37
CA PRO B 50 0.95 -25.48 32.43
C PRO B 50 2.18 -26.38 32.62
N GLN B 51 3.30 -26.05 31.98
CA GLN B 51 4.52 -26.88 32.11
C GLN B 51 5.09 -26.83 33.53
N LEU B 52 5.01 -25.64 34.13
CA LEU B 52 5.45 -25.41 35.48
C LEU B 52 4.54 -26.15 36.45
N ALA B 53 3.23 -26.08 36.20
CA ALA B 53 2.25 -26.74 37.02
C ALA B 53 2.42 -28.25 37.01
N ARG B 54 2.81 -28.81 35.86
CA ARG B 54 3.05 -30.27 35.75
C ARG B 54 4.26 -30.76 36.53
N TYR B 55 5.38 -30.02 36.51
CA TYR B 55 6.58 -30.45 37.26
C TYR B 55 6.32 -30.40 38.77
N LEU B 56 5.64 -29.33 39.22
CA LEU B 56 5.33 -29.15 40.64
C LEU B 56 4.14 -30.00 41.15
N GLY B 57 3.10 -30.19 40.31
CA GLY B 57 1.90 -30.94 40.71
C GLY B 57 1.22 -30.40 41.99
N ASN B 58 0.80 -31.32 42.87
CA ASN B 58 0.11 -30.98 44.13
CA ASN B 58 0.10 -30.94 44.11
C ASN B 58 1.01 -30.33 45.20
N THR B 59 2.32 -30.22 44.93
CA THR B 59 3.25 -29.69 45.96
C THR B 59 3.13 -28.19 46.11
N VAL B 60 2.63 -27.50 45.07
CA VAL B 60 2.46 -26.05 45.10
C VAL B 60 1.15 -25.66 44.41
N ASP B 61 0.32 -24.88 45.09
CA ASP B 61 -0.93 -24.37 44.49
C ASP B 61 -0.61 -23.15 43.61
N LEU B 62 -0.67 -23.35 42.31
CA LEU B 62 -0.40 -22.28 41.34
C LEU B 62 -1.64 -21.60 40.79
N SER B 63 -2.82 -21.90 41.34
CA SER B 63 -4.09 -21.29 40.87
C SER B 63 -4.01 -19.76 40.76
N SER B 64 -3.51 -19.09 41.80
CA SER B 64 -3.38 -17.60 41.78
C SER B 64 -2.07 -17.08 41.14
N PHE B 65 -1.18 -17.97 40.68
CA PHE B 65 0.16 -17.58 40.24
C PHE B 65 0.12 -16.89 38.88
N ASP B 66 0.54 -15.65 38.83
CA ASP B 66 0.68 -14.93 37.55
C ASP B 66 2.05 -15.23 36.93
N PHE B 67 2.07 -16.03 35.85
CA PHE B 67 3.33 -16.54 35.29
C PHE B 67 4.21 -15.41 34.74
N ARG B 68 3.57 -14.42 34.14
CA ARG B 68 4.30 -13.33 33.51
C ARG B 68 5.07 -12.48 34.55
N THR B 69 4.41 -12.10 35.64
CA THR B 69 5.06 -11.26 36.69
C THR B 69 5.71 -12.09 37.81
N GLY B 70 5.32 -13.36 37.92
CA GLY B 70 5.80 -14.21 39.02
C GLY B 70 5.16 -13.98 40.38
N LYS B 71 3.98 -13.35 40.42
CA LYS B 71 3.31 -12.96 41.67
C LYS B 71 1.90 -13.57 41.81
N MET B 72 1.45 -13.77 43.05
CA MET B 72 0.11 -14.30 43.36
C MET B 72 -0.95 -13.19 43.30
N MET B 73 -2.08 -13.46 42.63
CA MET B 73 -3.12 -12.44 42.38
C MET B 73 -4.30 -12.55 43.38
N PRO B 74 -4.83 -11.40 43.83
N LYS E 7 -12.17 9.26 -9.04
CA LYS E 7 -12.11 7.76 -8.97
C LYS E 7 -10.81 7.27 -8.33
N ARG E 8 -10.52 7.75 -7.11
CA ARG E 8 -9.32 7.35 -6.37
C ARG E 8 -9.64 6.16 -5.48
N MET E 9 -9.22 4.97 -5.93
CA MET E 9 -9.46 3.73 -5.21
C MET E 9 -8.28 3.38 -4.35
N ASP E 10 -8.55 3.02 -3.10
CA ASP E 10 -7.61 2.29 -2.32
C ASP E 10 -6.98 1.11 -3.13
N CYS E 11 -5.67 0.93 -2.96
CA CYS E 11 -4.95 -0.17 -3.54
C CYS E 11 -4.47 -1.07 -2.37
N PRO E 12 -5.28 -2.11 -2.04
CA PRO E 12 -4.97 -2.96 -0.85
C PRO E 12 -3.57 -3.58 -0.85
N ALA E 13 -3.02 -3.86 -2.04
CA ALA E 13 -1.73 -4.52 -2.18
C ALA E 13 -0.57 -3.60 -1.83
N LEU E 14 -0.79 -2.30 -1.88
CA LEU E 14 0.23 -1.35 -1.46
C LEU E 14 0.05 -1.05 0.03
N PRO E 15 1.02 -0.34 0.63
CA PRO E 15 0.85 0.08 2.02
C PRO E 15 -0.37 0.97 2.28
N PRO E 16 -0.73 1.15 3.58
CA PRO E 16 -1.98 1.88 3.89
C PRO E 16 -1.94 3.28 3.30
N GLY E 17 -3.06 3.69 2.71
CA GLY E 17 -3.23 5.04 2.25
C GLY E 17 -2.89 5.25 0.80
N TRP E 18 -2.17 4.30 0.17
CA TRP E 18 -1.91 4.33 -1.29
C TRP E 18 -3.16 4.13 -2.11
N LYS E 19 -3.37 5.00 -3.11
CA LYS E 19 -4.54 4.90 -4.01
C LYS E 19 -4.13 4.79 -5.50
N LYS E 20 -5.10 4.46 -6.33
CA LYS E 20 -4.94 4.15 -7.74
C LYS E 20 -6.08 4.85 -8.47
N GLU E 21 -5.78 5.48 -9.61
CA GLU E 21 -6.77 6.07 -10.49
C GLU E 21 -6.47 5.64 -11.90
N GLU E 22 -7.51 5.33 -12.65
CA GLU E 22 -7.36 4.99 -14.05
C GLU E 22 -8.14 6.03 -14.83
N VAL E 23 -7.48 6.61 -15.86
CA VAL E 23 -8.07 7.68 -16.67
C VAL E 23 -8.00 7.33 -18.14
N ILE E 24 -9.14 7.46 -18.77
CA ILE E 24 -9.38 7.13 -20.16
C ILE E 24 -8.99 8.29 -21.00
N ARG E 25 -8.17 8.03 -22.03
CA ARG E 25 -7.80 9.11 -22.95
C ARG E 25 -9.01 9.45 -23.82
N LYS E 26 -9.40 10.73 -23.87
CA LYS E 26 -10.61 11.18 -24.59
C LYS E 26 -10.39 11.37 -26.07
N SER E 27 -9.14 11.62 -26.45
CA SER E 27 -8.77 11.97 -27.85
C SER E 27 -7.29 11.68 -28.19
N GLY E 28 -7.00 11.67 -29.47
CA GLY E 28 -5.65 11.47 -29.96
C GLY E 28 -5.54 10.14 -30.63
N LEU E 29 -4.37 9.92 -31.22
CA LEU E 29 -3.98 8.61 -31.72
C LEU E 29 -4.27 7.47 -30.69
N SER E 30 -4.07 7.73 -29.39
CA SER E 30 -4.37 6.70 -28.34
C SER E 30 -5.76 6.80 -27.64
N ALA E 31 -6.77 7.40 -28.31
CA ALA E 31 -8.10 7.66 -27.68
C ALA E 31 -8.82 6.33 -27.23
N GLY E 32 -9.31 6.30 -26.00
CA GLY E 32 -9.94 5.07 -25.48
C GLY E 32 -8.99 4.15 -24.72
N LYS E 33 -7.69 4.25 -24.97
CA LYS E 33 -6.72 3.65 -24.04
C LYS E 33 -6.72 4.40 -22.68
N SER E 34 -6.10 3.79 -21.67
CA SER E 34 -6.04 4.39 -20.37
C SER E 34 -4.62 4.52 -19.83
N ASP E 35 -4.48 5.43 -18.90
CA ASP E 35 -3.28 5.61 -18.17
C ASP E 35 -3.68 5.35 -16.72
N VAL E 36 -2.77 4.74 -15.98
CA VAL E 36 -2.98 4.40 -14.57
C VAL E 36 -2.02 5.23 -13.74
N TYR E 37 -2.54 5.79 -12.64
CA TYR E 37 -1.74 6.60 -11.74
C TYR E 37 -1.95 6.15 -10.31
N TYR E 38 -0.91 6.29 -9.50
CA TYR E 38 -0.97 6.02 -8.06
C TYR E 38 -0.69 7.25 -7.25
N PHE E 39 -1.30 7.32 -6.06
CA PHE E 39 -1.10 8.40 -5.13
C PHE E 39 -0.61 7.91 -3.74
N SER E 40 0.48 8.52 -3.26
CA SER E 40 1.00 8.26 -1.93
C SER E 40 -0.01 8.71 -0.88
N PRO E 41 0.22 8.36 0.37
CA PRO E 41 -0.66 8.92 1.42
C PRO E 41 -0.67 10.45 1.39
N SER E 42 0.51 11.08 1.33
CA SER E 42 0.62 12.56 1.12
C SER E 42 0.03 13.05 -0.21
N GLY E 43 -0.15 12.15 -1.18
CA GLY E 43 -0.82 12.49 -2.44
C GLY E 43 0.11 12.84 -3.61
N LYS E 44 1.40 12.48 -3.49
CA LYS E 44 2.40 12.55 -4.58
C LYS E 44 1.92 11.59 -5.67
N LYS E 45 1.98 12.02 -6.94
CA LYS E 45 1.42 11.26 -8.08
C LYS E 45 2.53 10.45 -8.74
N PHE E 46 2.26 9.17 -9.05
CA PHE E 46 3.24 8.33 -9.72
C PHE E 46 2.65 7.79 -11.00
N ARG E 47 3.48 7.75 -12.03
CA ARG E 47 3.04 7.43 -13.42
C ARG E 47 3.63 6.16 -13.98
N SER E 48 4.54 5.50 -13.27
CA SER E 48 5.03 4.19 -13.71
C SER E 48 5.50 3.33 -12.55
N LYS E 49 5.78 2.06 -12.87
CA LYS E 49 6.38 1.15 -11.88
C LYS E 49 7.78 1.54 -11.43
N PRO E 50 8.68 1.89 -12.38
CA PRO E 50 10.01 2.23 -11.79
C PRO E 50 10.00 3.48 -10.88
N GLN E 51 9.13 4.43 -11.21
CA GLN E 51 8.92 5.63 -10.42
C GLN E 51 8.44 5.28 -9.03
N LEU E 52 7.52 4.35 -8.96
CA LEU E 52 6.95 3.84 -7.73
C LEU E 52 7.97 3.01 -6.91
N ALA E 53 8.71 2.13 -7.60
CA ALA E 53 9.83 1.39 -6.98
C ALA E 53 10.91 2.30 -6.40
N ARG E 54 11.28 3.36 -7.12
CA ARG E 54 12.33 4.30 -6.67
C ARG E 54 11.88 5.10 -5.45
N TYR E 55 10.57 5.35 -5.32
CA TYR E 55 10.05 6.07 -4.16
C TYR E 55 9.97 5.17 -2.92
N LEU E 56 9.42 3.97 -3.08
CA LEU E 56 9.21 3.04 -1.94
C LEU E 56 10.49 2.35 -1.46
N GLY E 57 11.45 2.17 -2.37
CA GLY E 57 12.69 1.45 -2.08
C GLY E 57 12.40 0.04 -1.55
N ASN E 58 13.05 -0.30 -0.42
CA ASN E 58 12.95 -1.64 0.17
C ASN E 58 11.77 -1.81 1.12
N THR E 59 10.92 -0.79 1.26
CA THR E 59 9.77 -0.95 2.15
C THR E 59 8.78 -1.91 1.56
N VAL E 60 8.80 -2.09 0.23
CA VAL E 60 7.94 -3.08 -0.41
C VAL E 60 8.68 -3.76 -1.58
N ASP E 61 8.26 -4.99 -1.88
CA ASP E 61 8.78 -5.74 -3.01
C ASP E 61 7.71 -5.70 -4.10
N LEU E 62 7.99 -4.99 -5.19
CA LEU E 62 7.05 -4.82 -6.30
C LEU E 62 7.39 -5.70 -7.50
N SER E 63 8.31 -6.67 -7.33
CA SER E 63 8.65 -7.64 -8.38
C SER E 63 7.43 -8.26 -9.10
N SER E 64 6.45 -8.69 -8.30
CA SER E 64 5.22 -9.35 -8.81
C SER E 64 4.00 -8.40 -8.99
N PHE E 65 4.22 -7.10 -8.75
CA PHE E 65 3.16 -6.12 -8.68
C PHE E 65 2.80 -5.72 -10.09
N ASP E 66 1.50 -5.78 -10.39
CA ASP E 66 1.02 -5.45 -11.72
C ASP E 66 0.47 -4.02 -11.73
N PHE E 67 1.23 -3.14 -12.33
CA PHE E 67 0.95 -1.73 -12.30
C PHE E 67 -0.44 -1.35 -12.82
N ARG E 68 -0.85 -1.93 -13.94
CA ARG E 68 -2.14 -1.64 -14.56
C ARG E 68 -3.32 -1.99 -13.68
N THR E 69 -3.24 -3.12 -13.00
CA THR E 69 -4.35 -3.63 -12.19
C THR E 69 -4.23 -3.32 -10.72
N GLY E 70 -3.02 -3.03 -10.25
CA GLY E 70 -2.79 -2.78 -8.83
C GLY E 70 -2.69 -4.03 -7.95
N LYS E 71 -2.55 -5.20 -8.59
CA LYS E 71 -2.56 -6.50 -7.90
C LYS E 71 -1.19 -7.16 -7.99
N MET E 72 -0.81 -7.88 -6.93
CA MET E 72 0.33 -8.81 -6.97
C MET E 72 -0.05 -10.08 -7.75
N MET E 73 0.81 -10.55 -8.66
CA MET E 73 0.48 -11.72 -9.54
C MET E 73 1.20 -13.03 -9.16
N PRO E 74 0.86 -14.15 -9.86
CA PRO E 74 1.31 -15.54 -9.73
N LYS F 7 13.29 38.41 -27.44
CA LYS F 7 13.11 39.17 -28.74
C LYS F 7 12.30 38.37 -29.79
N ARG F 8 11.60 39.11 -30.65
CA ARG F 8 10.66 38.55 -31.62
C ARG F 8 11.28 38.52 -33.04
N MET F 9 11.93 37.42 -33.39
CA MET F 9 12.50 37.24 -34.75
C MET F 9 11.39 36.91 -35.78
N ASP F 10 11.54 37.44 -37.01
CA ASP F 10 10.69 37.04 -38.18
C ASP F 10 10.77 35.52 -38.38
N CYS F 11 9.63 34.93 -38.78
CA CYS F 11 9.54 33.51 -39.12
C CYS F 11 9.21 33.38 -40.63
N PRO F 12 10.24 33.21 -41.49
CA PRO F 12 9.98 33.25 -42.95
C PRO F 12 9.08 32.13 -43.51
N ALA F 13 8.91 31.01 -42.79
CA ALA F 13 8.02 29.93 -43.25
C ALA F 13 6.55 30.35 -43.19
N LEU F 14 6.25 31.27 -42.26
CA LEU F 14 4.92 31.90 -42.18
C LEU F 14 4.87 33.20 -43.05
N PRO F 15 3.66 33.82 -43.21
CA PRO F 15 3.61 35.06 -44.00
C PRO F 15 4.40 36.22 -43.37
N PRO F 16 4.49 37.36 -44.09
CA PRO F 16 5.23 38.52 -43.56
C PRO F 16 4.51 39.09 -42.36
N GLY F 17 5.31 39.65 -41.43
CA GLY F 17 4.82 40.20 -40.17
C GLY F 17 4.92 39.21 -39.03
N TRP F 18 4.70 37.91 -39.31
CA TRP F 18 4.72 36.88 -38.25
C TRP F 18 6.10 36.74 -37.59
N LYS F 19 6.09 36.79 -36.26
CA LYS F 19 7.30 36.66 -35.46
C LYS F 19 7.23 35.40 -34.62
N LYS F 20 8.41 34.95 -34.23
CA LYS F 20 8.63 33.86 -33.29
C LYS F 20 9.42 34.41 -32.12
N GLU F 21 9.08 33.95 -30.91
CA GLU F 21 9.80 34.28 -29.70
C GLU F 21 9.96 32.97 -28.90
N GLU F 22 11.07 32.81 -28.19
CA GLU F 22 11.30 31.64 -27.28
C GLU F 22 11.69 32.23 -25.96
N VAL F 23 11.04 31.76 -24.90
CA VAL F 23 11.24 32.34 -23.58
C VAL F 23 11.58 31.23 -22.61
N ILE F 24 12.74 31.33 -21.99
CA ILE F 24 13.24 30.30 -21.07
C ILE F 24 12.45 30.43 -19.79
N ARG F 25 12.12 29.29 -19.16
CA ARG F 25 11.45 29.25 -17.86
C ARG F 25 12.54 29.33 -16.82
N LYS F 26 12.40 30.23 -15.85
CA LYS F 26 13.54 30.61 -15.03
C LYS F 26 13.61 29.88 -13.71
N SER F 27 12.55 29.16 -13.36
CA SER F 27 12.48 28.55 -12.02
C SER F 27 11.46 27.41 -12.01
N GLY F 28 11.34 26.78 -10.86
CA GLY F 28 10.44 25.66 -10.63
C GLY F 28 10.89 24.37 -11.25
N LEU F 29 9.93 23.42 -11.31
CA LEU F 29 10.14 22.08 -11.84
C LEU F 29 10.60 22.03 -13.31
N SER F 30 10.04 22.89 -14.14
CA SER F 30 10.42 23.02 -15.59
C SER F 30 11.49 24.09 -15.87
N ALA F 31 12.20 24.54 -14.84
CA ALA F 31 13.31 25.52 -15.02
C ALA F 31 14.25 25.14 -16.19
N GLY F 32 14.60 26.07 -17.07
CA GLY F 32 15.50 25.72 -18.19
C GLY F 32 14.80 25.21 -19.46
N LYS F 33 13.59 24.70 -19.34
CA LYS F 33 12.75 24.48 -20.54
C LYS F 33 12.29 25.84 -21.03
N SER F 34 11.70 25.88 -22.23
CA SER F 34 11.15 27.10 -22.78
C SER F 34 9.77 26.95 -23.43
N ASP F 35 9.14 28.10 -23.59
CA ASP F 35 7.91 28.26 -24.28
C ASP F 35 8.19 29.00 -25.56
N VAL F 36 7.46 28.61 -26.61
CA VAL F 36 7.54 29.25 -27.92
C VAL F 36 6.18 29.90 -28.19
N TYR F 37 6.24 31.17 -28.64
CA TYR F 37 5.09 31.98 -28.93
C TYR F 37 5.21 32.51 -30.35
N TYR F 38 4.08 32.66 -31.04
CA TYR F 38 4.07 33.36 -32.31
C TYR F 38 3.19 34.57 -32.21
N PHE F 39 3.56 35.62 -32.96
CA PHE F 39 2.76 36.84 -33.02
C PHE F 39 2.37 37.10 -34.44
N SER F 40 1.14 37.53 -34.64
CA SER F 40 0.66 37.89 -35.99
C SER F 40 1.20 39.28 -36.34
N PRO F 41 0.98 39.73 -37.58
CA PRO F 41 1.28 41.14 -37.88
C PRO F 41 0.44 42.13 -37.03
N SER F 42 -0.82 41.77 -36.78
CA SER F 42 -1.71 42.56 -35.90
C SER F 42 -1.35 42.46 -34.40
N GLY F 43 -0.44 41.54 -34.04
CA GLY F 43 0.15 41.47 -32.68
C GLY F 43 -0.41 40.38 -31.77
N LYS F 44 -1.34 39.57 -32.31
CA LYS F 44 -2.07 38.60 -31.54
C LYS F 44 -1.17 37.42 -31.22
N LYS F 45 -1.21 36.97 -29.96
CA LYS F 45 -0.29 35.94 -29.45
C LYS F 45 -0.85 34.54 -29.69
N PHE F 46 0.02 33.62 -30.12
CA PHE F 46 -0.38 32.22 -30.35
C PHE F 46 0.57 31.28 -29.63
N ARG F 47 0.00 30.31 -28.91
CA ARG F 47 0.80 29.50 -28.00
C ARG F 47 0.80 27.99 -28.29
N SER F 48 0.13 27.57 -29.37
CA SER F 48 0.05 26.16 -29.75
C SER F 48 -0.11 26.00 -31.25
N LYS F 49 0.36 24.87 -31.77
CA LYS F 49 0.18 24.56 -33.19
C LYS F 49 -1.30 24.55 -33.62
N PRO F 50 -2.21 23.92 -32.82
CA PRO F 50 -3.64 23.92 -33.26
C PRO F 50 -4.31 25.32 -33.24
N GLN F 51 -4.00 26.13 -32.23
CA GLN F 51 -4.47 27.55 -32.16
C GLN F 51 -3.95 28.35 -33.37
N LEU F 52 -2.67 28.13 -33.71
CA LEU F 52 -2.06 28.75 -34.88
C LEU F 52 -2.74 28.34 -36.19
N ALA F 53 -3.01 27.03 -36.31
CA ALA F 53 -3.64 26.45 -37.49
C ALA F 53 -5.12 26.84 -37.63
N ARG F 54 -5.82 26.95 -36.49
CA ARG F 54 -7.24 27.40 -36.47
C ARG F 54 -7.40 28.83 -37.00
N TYR F 55 -6.49 29.74 -36.62
CA TYR F 55 -6.50 31.15 -37.08
C TYR F 55 -6.10 31.25 -38.54
N LEU F 56 -4.99 30.61 -38.91
CA LEU F 56 -4.53 30.62 -40.30
C LEU F 56 -5.54 29.94 -41.25
N GLY F 57 -6.16 28.84 -40.79
CA GLY F 57 -7.22 28.16 -41.55
C GLY F 57 -6.68 27.49 -42.81
N ASN F 58 -7.56 27.31 -43.81
CA ASN F 58 -7.18 26.62 -45.04
C ASN F 58 -6.39 27.51 -46.06
N THR F 59 -5.83 28.65 -45.60
CA THR F 59 -4.97 29.51 -46.44
C THR F 59 -3.45 29.25 -46.23
N VAL F 60 -3.07 28.61 -45.11
CA VAL F 60 -1.71 28.06 -44.89
C VAL F 60 -1.80 26.58 -44.48
N ASP F 61 -1.01 25.70 -45.12
CA ASP F 61 -0.91 24.29 -44.72
C ASP F 61 0.22 24.17 -43.71
N LEU F 62 -0.08 23.68 -42.52
CA LEU F 62 0.93 23.60 -41.43
C LEU F 62 1.28 22.16 -41.04
N SER F 63 1.04 21.19 -41.92
CA SER F 63 1.28 19.78 -41.59
C SER F 63 2.73 19.55 -41.24
N SER F 64 3.63 19.98 -42.09
CA SER F 64 5.07 19.81 -41.83
C SER F 64 5.68 20.95 -40.98
N PHE F 65 4.84 21.85 -40.46
CA PHE F 65 5.32 22.93 -39.59
C PHE F 65 5.62 22.43 -38.17
N ASP F 66 6.87 22.58 -37.77
CA ASP F 66 7.33 22.21 -36.47
C ASP F 66 7.20 23.47 -35.60
N PHE F 67 6.21 23.46 -34.74
CA PHE F 67 5.91 24.60 -33.91
C PHE F 67 7.13 25.07 -33.11
N ARG F 68 7.86 24.13 -32.53
CA ARG F 68 8.96 24.50 -31.63
C ARG F 68 10.07 25.29 -32.33
N THR F 69 10.48 24.87 -33.55
CA THR F 69 11.59 25.51 -34.28
C THR F 69 11.13 26.57 -35.26
N GLY F 70 9.86 26.50 -35.65
CA GLY F 70 9.34 27.39 -36.67
C GLY F 70 9.86 27.10 -38.07
N LYS F 71 10.15 25.83 -38.35
CA LYS F 71 10.66 25.40 -39.68
C LYS F 71 9.74 24.33 -40.23
N MET F 72 9.49 24.36 -41.55
CA MET F 72 8.84 23.26 -42.28
C MET F 72 9.81 22.08 -42.43
N MET F 73 9.34 20.89 -42.04
CA MET F 73 10.08 19.63 -42.28
C MET F 73 10.01 19.20 -43.74
N PRO F 74 11.07 18.55 -44.25
CA PRO F 74 11.14 18.09 -45.63
#